data_6OEA
#
_entry.id   6OEA
#
_cell.length_a   55.863
_cell.length_b   52.060
_cell.length_c   148.309
_cell.angle_alpha   90.000
_cell.angle_beta   93.110
_cell.angle_gamma   90.000
#
_symmetry.space_group_name_H-M   'I 1 2 1'
#
loop_
_entity.id
_entity.type
_entity.pdbx_description
1 polymer 'Embryonic stem cell-specific 5-hydroxymethylcytosine-binding protein'
2 polymer "DNA (5'-D(*CP*CP*AP*GP*AP*CP*GP*TP*TP*GP*TP*T)-3')"
3 polymer "DNA (5'-D(*GP*TP*CP*TP*GP*G)-3')"
4 non-polymer 1,2-ETHANEDIOL
5 non-polymer 'UNKNOWN ATOM OR ION'
6 water water
#
loop_
_entity_poly.entity_id
_entity_poly.type
_entity_poly.pdbx_seq_one_letter_code
_entity_poly.pdbx_strand_id
1 'polypeptide(L)'
;CGRTSCHLPRDVLTRACAYQDRRGQQRLPEWRDPDKYCPSYNKSPQSNSPVLLSRLHFEKDADSSERIIAPMRWGLVPSW
FKESDPSKLQFNTTNCRSDTVMEKRSFKVPLGKGRRCVVLADGFYEWQRCQGTNQRQPYFIYFPQIKTEKSGSIGAADSP
ENWEKVWDNWRLLTMAGIFDCWEPPEGGDVLYSYTIITVDSCKGLSDIHHRMPAILDGEEAVSKWLDFGEVSTQEALKLI
HPTENITFHAVSSVVNNSRNNTPECLAPVAENLYFQ
;
A
2 'polydeoxyribonucleotide' (DC)(DC)(DA)(DG)(DA)(DC)(DG)(DT)(DT)(DG)(DT)(DT) B
3 'polydeoxyribonucleotide' (DG)(DT)(DC)(DT)(DG)(DG) C
#
loop_
_chem_comp.id
_chem_comp.type
_chem_comp.name
_chem_comp.formula
DA DNA linking 2'-DEOXYADENOSINE-5'-MONOPHOSPHATE 'C10 H14 N5 O6 P'
DC DNA linking 2'-DEOXYCYTIDINE-5'-MONOPHOSPHATE 'C9 H14 N3 O7 P'
DG DNA linking 2'-DEOXYGUANOSINE-5'-MONOPHOSPHATE 'C10 H14 N5 O7 P'
DT DNA linking THYMIDINE-5'-MONOPHOSPHATE 'C10 H15 N2 O8 P'
EDO non-polymer 1,2-ETHANEDIOL 'C2 H6 O2'
UNX non-polymer 'UNKNOWN ATOM OR ION' ?
#
# COMPACT_ATOMS: atom_id res chain seq x y z
N CYS A 1 6.30 -6.82 5.76
N CYS A 1 6.58 -4.45 4.09
CA CYS A 1 5.97 -5.86 4.67
CA CYS A 1 6.07 -5.81 4.48
C CYS A 1 5.77 -6.63 3.34
C CYS A 1 5.85 -6.68 3.24
N GLY A 2 5.41 -7.92 3.40
CA GLY A 2 5.21 -8.84 2.26
C GLY A 2 3.83 -9.51 2.25
N ARG A 3 2.88 -8.96 2.98
CA ARG A 3 1.47 -9.43 2.98
C ARG A 3 0.56 -8.34 3.57
N THR A 4 -0.62 -8.17 2.99
CA THR A 4 -1.65 -7.24 3.50
C THR A 4 -3.03 -7.90 3.45
N SER A 5 -3.99 -7.27 4.11
CA SER A 5 -5.41 -7.51 3.84
C SER A 5 -6.02 -6.27 3.17
N CYS A 6 -6.86 -6.51 2.18
CA CYS A 6 -7.66 -5.47 1.47
C CYS A 6 -8.91 -6.17 0.93
N HIS A 7 -9.90 -6.39 1.79
CA HIS A 7 -11.06 -7.29 1.54
C HIS A 7 -12.37 -6.54 1.30
N LEU A 8 -12.42 -5.22 1.50
CA LEU A 8 -13.70 -4.49 1.53
C LEU A 8 -14.32 -4.55 0.14
N PRO A 9 -15.67 -4.66 0.01
CA PRO A 9 -16.34 -4.47 -1.27
C PRO A 9 -15.93 -3.10 -1.84
N ARG A 10 -15.82 -3.05 -3.14
CA ARG A 10 -15.27 -1.86 -3.80
C ARG A 10 -15.98 -0.59 -3.35
N ASP A 11 -17.30 -0.57 -3.17
CA ASP A 11 -18.01 0.71 -2.86
C ASP A 11 -17.72 1.13 -1.43
N VAL A 12 -17.49 0.18 -0.52
CA VAL A 12 -17.14 0.45 0.89
C VAL A 12 -15.70 0.98 0.92
N LEU A 13 -14.81 0.38 0.14
CA LEU A 13 -13.43 0.87 0.02
C LEU A 13 -13.48 2.33 -0.42
N THR A 14 -14.23 2.60 -1.48
CA THR A 14 -14.24 3.93 -2.16
C THR A 14 -14.75 4.97 -1.18
N ARG A 15 -15.79 4.66 -0.39
CA ARG A 15 -16.35 5.60 0.61
C ARG A 15 -15.33 5.82 1.74
N ALA A 16 -14.47 4.85 2.04
CA ALA A 16 -13.45 4.99 3.11
C ALA A 16 -12.25 5.81 2.59
N CYS A 17 -12.25 6.18 1.32
CA CYS A 17 -11.24 7.08 0.68
C CYS A 17 -11.85 8.47 0.41
N ALA A 18 -13.01 8.77 0.99
CA ALA A 18 -13.56 10.15 1.03
C ALA A 18 -12.44 11.09 1.47
N TYR A 19 -12.19 12.16 0.74
CA TYR A 19 -11.07 13.08 1.00
C TYR A 19 -11.51 14.53 0.73
N GLN A 20 -10.65 15.51 1.03
CA GLN A 20 -10.82 16.93 0.62
C GLN A 20 -9.70 17.34 -0.33
N ASP A 21 -10.01 17.89 -1.51
CA ASP A 21 -8.94 18.49 -2.35
C ASP A 21 -8.44 19.77 -1.65
N ARG A 22 -7.56 20.54 -2.27
CA ARG A 22 -6.92 21.72 -1.65
C ARG A 22 -7.99 22.81 -1.38
N ARG A 23 -9.03 22.91 -2.23
CA ARG A 23 -10.14 23.90 -2.11
C ARG A 23 -11.20 23.46 -1.08
N GLY A 24 -11.00 22.36 -0.35
CA GLY A 24 -11.95 21.91 0.68
C GLY A 24 -13.13 21.11 0.13
N GLN A 25 -13.23 20.89 -1.19
CA GLN A 25 -14.28 20.05 -1.85
C GLN A 25 -14.16 18.61 -1.35
N GLN A 26 -15.20 18.10 -0.68
CA GLN A 26 -15.34 16.69 -0.25
C GLN A 26 -15.55 15.84 -1.52
N ARG A 27 -14.63 14.94 -1.84
CA ARG A 27 -14.69 14.09 -3.06
C ARG A 27 -14.53 12.62 -2.69
N LEU A 28 -14.96 11.76 -3.59
CA LEU A 28 -14.57 10.33 -3.62
C LEU A 28 -13.56 10.23 -4.75
N PRO A 29 -12.46 9.45 -4.62
CA PRO A 29 -11.54 9.31 -5.73
C PRO A 29 -12.24 8.59 -6.87
N GLU A 30 -11.86 8.93 -8.08
CA GLU A 30 -12.34 8.34 -9.35
C GLU A 30 -11.53 7.04 -9.59
N TRP A 31 -12.17 5.99 -10.05
CA TRP A 31 -11.53 4.69 -10.38
C TRP A 31 -10.93 4.79 -11.77
N ARG A 32 -9.83 4.05 -11.97
CA ARG A 32 -9.36 3.45 -13.23
C ARG A 32 -9.26 1.94 -13.00
N ASP A 33 -9.51 1.15 -14.04
CA ASP A 33 -9.40 -0.33 -14.00
C ASP A 33 -10.09 -0.93 -12.78
N PRO A 34 -11.33 -0.49 -12.47
CA PRO A 34 -12.05 -1.08 -11.35
C PRO A 34 -12.20 -2.60 -11.48
N ASP A 35 -12.23 -3.16 -12.69
CA ASP A 35 -12.45 -4.62 -12.85
C ASP A 35 -11.27 -5.40 -12.28
N LYS A 36 -10.10 -4.78 -12.10
CA LYS A 36 -8.88 -5.44 -11.54
C LYS A 36 -8.87 -5.36 -10.01
N TYR A 37 -9.87 -4.78 -9.39
CA TYR A 37 -9.95 -4.80 -7.91
C TYR A 37 -10.44 -6.19 -7.52
N CYS A 38 -9.65 -6.83 -6.68
CA CYS A 38 -9.80 -8.23 -6.29
C CYS A 38 -9.74 -8.28 -4.77
N PRO A 39 -10.86 -8.08 -4.07
CA PRO A 39 -10.82 -7.97 -2.61
C PRO A 39 -10.34 -9.31 -2.01
N SER A 40 -9.43 -9.25 -1.05
CA SER A 40 -8.96 -10.46 -0.33
C SER A 40 -8.43 -10.07 1.04
N TYR A 41 -8.57 -11.00 2.00
CA TYR A 41 -7.95 -10.95 3.35
C TYR A 41 -6.43 -11.17 3.26
N ASN A 42 -5.96 -11.71 2.15
CA ASN A 42 -4.58 -12.25 2.02
C ASN A 42 -3.95 -11.78 0.71
N LYS A 43 -3.42 -10.58 0.68
CA LYS A 43 -2.81 -10.03 -0.55
C LYS A 43 -1.32 -10.29 -0.47
N SER A 44 -0.78 -11.00 -1.47
CA SER A 44 0.66 -11.28 -1.61
C SER A 44 1.26 -10.44 -2.74
N PRO A 45 2.60 -10.37 -2.86
CA PRO A 45 3.24 -9.73 -4.01
C PRO A 45 2.76 -10.43 -5.27
N GLN A 46 2.66 -9.68 -6.37
CA GLN A 46 2.19 -10.15 -7.70
C GLN A 46 0.66 -10.07 -7.81
N SER A 47 -0.06 -9.98 -6.71
CA SER A 47 -1.52 -9.64 -6.73
C SER A 47 -1.68 -8.13 -6.96
N ASN A 48 -2.88 -7.68 -7.34
CA ASN A 48 -3.23 -6.25 -7.45
C ASN A 48 -3.90 -5.78 -6.17
N SER A 49 -3.53 -4.59 -5.69
CA SER A 49 -4.18 -3.87 -4.59
C SER A 49 -4.57 -2.49 -5.11
N PRO A 50 -5.61 -1.88 -4.54
CA PRO A 50 -5.99 -0.51 -4.89
C PRO A 50 -4.96 0.44 -4.30
N VAL A 51 -4.51 1.41 -5.08
CA VAL A 51 -3.62 2.49 -4.57
C VAL A 51 -4.20 3.83 -4.99
N LEU A 52 -3.94 4.88 -4.21
CA LEU A 52 -4.26 6.27 -4.55
C LEU A 52 -3.11 6.90 -5.34
N LEU A 53 -3.40 7.73 -6.34
CA LEU A 53 -2.38 8.57 -7.00
C LEU A 53 -3.02 9.84 -7.48
N SER A 54 -2.21 10.89 -7.75
CA SER A 54 -2.68 12.21 -8.19
C SER A 54 -3.46 12.06 -9.50
N ARG A 55 -4.57 12.78 -9.59
CA ARG A 55 -5.30 12.91 -10.88
C ARG A 55 -4.33 13.35 -11.99
N LEU A 56 -3.30 14.13 -11.65
CA LEU A 56 -2.42 14.79 -12.65
C LEU A 56 -1.56 13.75 -13.37
N HIS A 57 -1.39 12.54 -12.82
CA HIS A 57 -0.74 11.41 -13.54
C HIS A 57 -1.61 10.96 -14.71
N PHE A 58 -2.91 11.25 -14.71
CA PHE A 58 -3.82 10.68 -15.73
C PHE A 58 -4.41 11.76 -16.63
N GLU A 59 -4.61 12.99 -16.15
CA GLU A 59 -5.42 14.04 -16.82
C GLU A 59 -4.60 15.34 -16.94
N LYS A 60 -4.29 15.78 -18.16
CA LYS A 60 -3.51 17.04 -18.37
C LYS A 60 -4.20 18.14 -17.57
N ASP A 61 -3.44 18.99 -16.88
CA ASP A 61 -3.90 20.28 -16.27
C ASP A 61 -4.82 20.04 -15.06
N ALA A 62 -4.89 18.81 -14.57
CA ALA A 62 -5.76 18.41 -13.44
C ALA A 62 -5.35 19.18 -12.19
N ASP A 63 -6.23 19.37 -11.24
CA ASP A 63 -5.82 19.72 -9.86
C ASP A 63 -5.11 18.50 -9.27
N SER A 64 -3.84 18.67 -8.94
CA SER A 64 -2.92 17.59 -8.53
C SER A 64 -3.28 17.10 -7.12
N SER A 65 -4.15 17.82 -6.40
CA SER A 65 -4.69 17.40 -5.07
C SER A 65 -5.92 16.50 -5.25
N GLU A 66 -6.43 16.36 -6.47
CA GLU A 66 -7.50 15.37 -6.77
C GLU A 66 -6.83 14.00 -6.91
N ARG A 67 -7.57 12.99 -6.49
CA ARG A 67 -7.08 11.61 -6.36
C ARG A 67 -7.82 10.67 -7.31
N ILE A 68 -7.08 9.70 -7.82
CA ILE A 68 -7.57 8.51 -8.56
C ILE A 68 -7.30 7.29 -7.69
N ILE A 69 -8.16 6.30 -7.76
CA ILE A 69 -7.89 4.99 -7.11
C ILE A 69 -7.81 3.99 -8.25
N ALA A 70 -6.78 3.16 -8.28
CA ALA A 70 -6.58 2.13 -9.32
C ALA A 70 -5.92 0.89 -8.75
N PRO A 71 -6.29 -0.33 -9.20
CA PRO A 71 -5.53 -1.53 -8.84
C PRO A 71 -4.17 -1.46 -9.50
N MET A 72 -3.11 -1.74 -8.74
CA MET A 72 -1.75 -1.87 -9.28
C MET A 72 -1.15 -3.20 -8.81
N ARG A 73 -0.20 -3.71 -9.59
CA ARG A 73 0.54 -4.96 -9.32
C ARG A 73 1.56 -4.67 -8.23
N TRP A 74 1.54 -5.48 -7.18
CA TRP A 74 2.52 -5.38 -6.06
C TRP A 74 3.84 -6.04 -6.50
N GLY A 75 4.90 -5.25 -6.60
CA GLY A 75 6.20 -5.67 -7.15
C GLY A 75 6.54 -4.83 -8.37
N LEU A 76 7.21 -3.70 -8.14
CA LEU A 76 7.46 -2.66 -9.17
C LEU A 76 8.23 -3.31 -10.32
N VAL A 77 7.72 -3.14 -11.53
CA VAL A 77 8.41 -3.56 -12.78
C VAL A 77 8.92 -2.29 -13.44
N PRO A 78 10.25 -2.03 -13.44
CA PRO A 78 10.80 -0.79 -14.00
C PRO A 78 10.47 -0.69 -15.48
N SER A 79 10.26 0.52 -15.97
CA SER A 79 9.95 0.88 -17.39
C SER A 79 10.88 0.14 -18.35
N TRP A 80 12.17 0.01 -18.00
CA TRP A 80 13.24 -0.53 -18.87
C TRP A 80 13.26 -2.06 -18.92
N PHE A 81 12.52 -2.78 -18.07
CA PHE A 81 12.61 -4.26 -18.04
C PHE A 81 12.33 -4.80 -19.45
N LYS A 82 13.09 -5.80 -19.90
CA LYS A 82 13.17 -6.22 -21.34
C LYS A 82 12.46 -7.55 -21.62
N GLU A 83 12.28 -8.42 -20.63
CA GLU A 83 11.54 -9.69 -20.85
C GLU A 83 10.08 -9.39 -21.22
N SER A 84 9.33 -10.41 -21.63
CA SER A 84 7.92 -10.29 -22.07
C SER A 84 6.97 -10.40 -20.85
N ASP A 85 7.32 -11.22 -19.86
CA ASP A 85 6.51 -11.47 -18.65
C ASP A 85 7.17 -10.78 -17.45
N PRO A 86 6.46 -9.92 -16.68
CA PRO A 86 7.05 -9.20 -15.54
C PRO A 86 7.49 -10.06 -14.35
N SER A 87 6.97 -11.29 -14.26
CA SER A 87 7.28 -12.21 -13.14
C SER A 87 8.68 -12.80 -13.30
N LYS A 88 9.34 -12.49 -14.42
CA LYS A 88 10.74 -12.92 -14.70
C LYS A 88 11.73 -11.90 -14.10
N LEU A 89 11.26 -10.83 -13.45
CA LEU A 89 12.14 -9.91 -12.68
C LEU A 89 12.98 -10.71 -11.68
N GLN A 90 14.29 -10.50 -11.67
CA GLN A 90 15.27 -11.29 -10.87
C GLN A 90 15.69 -10.50 -9.62
N PHE A 91 15.04 -9.38 -9.33
CA PHE A 91 15.28 -8.63 -8.07
C PHE A 91 13.93 -8.30 -7.44
N ASN A 92 13.94 -8.23 -6.11
CA ASN A 92 12.74 -8.01 -5.25
C ASN A 92 12.48 -6.50 -5.17
N THR A 93 11.34 -6.06 -5.70
CA THR A 93 10.84 -4.68 -5.65
C THR A 93 9.47 -4.68 -4.93
N THR A 94 9.17 -5.72 -4.17
CA THR A 94 8.03 -5.69 -3.22
C THR A 94 8.15 -4.43 -2.35
N ASN A 95 9.38 -4.15 -1.91
CA ASN A 95 9.70 -3.11 -0.91
C ASN A 95 10.85 -2.26 -1.45
N CYS A 96 10.99 -1.10 -0.84
CA CYS A 96 11.96 -0.06 -1.21
C CYS A 96 12.36 0.64 0.07
N ARG A 97 13.59 0.42 0.54
CA ARG A 97 14.17 1.04 1.77
C ARG A 97 14.17 2.55 1.60
N SER A 98 13.61 3.28 2.58
CA SER A 98 13.66 4.77 2.64
C SER A 98 15.11 5.25 2.47
N ASP A 99 16.03 4.63 3.23
CA ASP A 99 17.38 5.19 3.48
C ASP A 99 18.13 5.27 2.15
N THR A 100 17.96 4.30 1.25
CA THR A 100 18.74 4.20 0.00
C THR A 100 17.95 4.58 -1.24
N VAL A 101 16.72 5.10 -1.09
CA VAL A 101 15.78 5.32 -2.24
C VAL A 101 16.40 6.26 -3.28
N MET A 102 17.20 7.27 -2.88
CA MET A 102 17.73 8.28 -3.84
C MET A 102 18.84 7.70 -4.74
N GLU A 103 19.41 6.53 -4.42
CA GLU A 103 20.51 5.91 -5.21
C GLU A 103 20.14 4.52 -5.72
N LYS A 104 18.87 4.12 -5.71
CA LYS A 104 18.40 2.85 -6.32
C LYS A 104 17.72 3.14 -7.66
N ARG A 105 18.43 2.80 -8.75
CA ARG A 105 18.02 2.95 -10.16
C ARG A 105 16.51 2.70 -10.34
N SER A 106 16.01 1.60 -9.75
CA SER A 106 14.65 1.04 -9.91
C SER A 106 13.58 1.97 -9.31
N PHE A 107 13.90 2.72 -8.26
CA PHE A 107 12.95 3.52 -7.45
C PHE A 107 13.13 5.03 -7.70
N LYS A 108 14.37 5.50 -7.87
CA LYS A 108 14.69 6.94 -8.02
C LYS A 108 14.05 7.49 -9.30
N VAL A 109 14.15 6.78 -10.40
CA VAL A 109 13.65 7.31 -11.71
C VAL A 109 12.14 7.56 -11.58
N PRO A 110 11.29 6.53 -11.30
CA PRO A 110 9.87 6.76 -11.07
C PRO A 110 9.59 7.80 -9.96
N LEU A 111 10.39 7.83 -8.89
CA LEU A 111 10.18 8.85 -7.83
C LEU A 111 10.40 10.25 -8.43
N GLY A 112 11.42 10.40 -9.27
CA GLY A 112 11.79 11.69 -9.90
C GLY A 112 10.72 12.19 -10.85
N LYS A 113 9.94 11.27 -11.44
CA LYS A 113 8.74 11.56 -12.28
C LYS A 113 7.48 11.76 -11.44
N GLY A 114 7.60 11.83 -10.11
CA GLY A 114 6.47 12.09 -9.18
C GLY A 114 5.52 10.92 -9.01
N ARG A 115 5.94 9.69 -9.35
CA ARG A 115 5.11 8.46 -9.24
C ARG A 115 5.08 7.95 -7.79
N ARG A 116 4.52 8.78 -6.92
CA ARG A 116 4.26 8.50 -5.50
C ARG A 116 2.81 8.04 -5.37
N CYS A 117 2.57 6.91 -4.71
CA CYS A 117 1.19 6.45 -4.53
C CYS A 117 0.98 6.05 -3.09
N VAL A 118 -0.29 5.90 -2.70
CA VAL A 118 -0.67 5.47 -1.34
C VAL A 118 -1.33 4.11 -1.48
N VAL A 119 -0.67 3.09 -0.96
CA VAL A 119 -1.13 1.70 -1.05
C VAL A 119 -2.18 1.53 0.05
N LEU A 120 -3.36 1.06 -0.31
CA LEU A 120 -4.43 0.91 0.70
C LEU A 120 -4.39 -0.52 1.22
N ALA A 121 -4.86 -0.68 2.44
CA ALA A 121 -5.00 -1.99 3.07
C ALA A 121 -5.86 -1.80 4.31
N ASP A 122 -6.51 -2.87 4.74
CA ASP A 122 -7.14 -2.97 6.07
C ASP A 122 -6.02 -2.77 7.09
N GLY A 123 -4.89 -3.39 6.80
CA GLY A 123 -3.70 -3.52 7.64
C GLY A 123 -2.74 -4.49 6.98
N PHE A 124 -1.55 -4.66 7.53
CA PHE A 124 -0.57 -5.62 6.97
C PHE A 124 -0.29 -6.72 7.98
N TYR A 125 0.36 -7.76 7.50
CA TYR A 125 0.83 -8.88 8.34
C TYR A 125 2.35 -8.84 8.43
N GLU A 126 2.86 -9.29 9.58
CA GLU A 126 4.31 -9.47 9.88
C GLU A 126 4.44 -10.79 10.64
N TRP A 127 5.52 -11.53 10.38
CA TRP A 127 5.76 -12.81 11.06
C TRP A 127 6.91 -12.61 12.05
N GLN A 128 6.66 -12.80 13.36
CA GLN A 128 7.68 -12.69 14.43
C GLN A 128 8.54 -13.95 14.48
N ARG A 129 9.84 -13.76 14.26
CA ARG A 129 10.90 -14.76 14.54
C ARG A 129 11.07 -14.76 16.06
N CYS A 130 10.85 -15.92 16.70
CA CYS A 130 10.90 -16.08 18.18
C CYS A 130 12.14 -16.90 18.49
N GLN A 131 12.88 -16.50 19.52
CA GLN A 131 14.16 -17.14 19.89
C GLN A 131 13.96 -18.66 20.06
N GLY A 132 14.80 -19.44 19.36
CA GLY A 132 15.01 -20.87 19.62
C GLY A 132 13.88 -21.74 19.10
N THR A 133 12.97 -21.17 18.30
CA THR A 133 11.93 -21.92 17.55
C THR A 133 11.89 -21.42 16.10
N ASN A 134 11.60 -22.32 15.16
CA ASN A 134 11.43 -22.01 13.71
C ASN A 134 9.99 -21.57 13.45
N GLN A 135 9.06 -21.90 14.35
CA GLN A 135 7.66 -21.41 14.30
C GLN A 135 7.68 -19.87 14.36
N ARG A 136 7.13 -19.23 13.33
CA ARG A 136 6.94 -17.75 13.23
C ARG A 136 5.55 -17.42 13.76
N GLN A 137 5.40 -16.32 14.50
CA GLN A 137 4.07 -15.87 14.99
C GLN A 137 3.57 -14.74 14.09
N PRO A 138 2.52 -14.95 13.26
CA PRO A 138 1.88 -13.85 12.53
C PRO A 138 1.02 -12.88 13.33
N TYR A 139 1.19 -11.59 13.01
CA TYR A 139 0.46 -10.43 13.58
C TYR A 139 -0.25 -9.71 12.45
N PHE A 140 -1.45 -9.21 12.73
CA PHE A 140 -2.21 -8.21 11.94
C PHE A 140 -1.98 -6.85 12.58
N ILE A 141 -1.56 -5.89 11.77
CA ILE A 141 -1.07 -4.55 12.20
C ILE A 141 -1.83 -3.48 11.41
N TYR A 142 -2.38 -2.49 12.11
CA TYR A 142 -3.38 -1.52 11.59
C TYR A 142 -3.44 -0.25 12.44
N PHE A 143 -4.06 0.80 11.88
CA PHE A 143 -4.31 2.07 12.58
C PHE A 143 -5.24 1.74 13.75
N PRO A 144 -5.06 2.41 14.91
CA PRO A 144 -6.05 2.30 15.98
C PRO A 144 -7.40 2.64 15.32
N GLN A 145 -8.37 1.77 15.57
CA GLN A 145 -9.77 1.89 15.13
C GLN A 145 -10.62 2.52 16.26
N ILE A 146 -11.83 2.97 15.93
CA ILE A 146 -12.88 3.48 16.87
C ILE A 146 -13.23 2.39 17.90
N LYS A 147 -13.46 2.80 19.16
CA LYS A 147 -13.81 1.93 20.32
C LYS A 147 -14.57 0.68 19.86
N SER A 159 -21.97 -10.43 16.56
CA SER A 159 -23.07 -9.81 15.77
C SER A 159 -22.65 -9.66 14.31
N PRO A 160 -23.46 -10.12 13.31
CA PRO A 160 -23.16 -9.88 11.90
C PRO A 160 -23.37 -8.41 11.50
N GLU A 161 -24.20 -7.68 12.27
CA GLU A 161 -24.47 -6.23 12.09
C GLU A 161 -23.41 -5.41 12.85
N ASN A 162 -22.77 -5.99 13.87
CA ASN A 162 -21.62 -5.39 14.62
C ASN A 162 -20.39 -5.32 13.71
N TRP A 163 -19.92 -6.49 13.23
CA TRP A 163 -18.83 -6.66 12.23
C TRP A 163 -19.02 -5.66 11.08
N GLU A 164 -20.24 -5.64 10.50
CA GLU A 164 -20.61 -4.77 9.34
C GLU A 164 -20.26 -3.30 9.64
N LYS A 165 -20.52 -2.82 10.87
CA LYS A 165 -20.41 -1.40 11.31
C LYS A 165 -18.92 -1.05 11.57
N VAL A 166 -18.20 -1.98 12.20
CA VAL A 166 -16.70 -1.93 12.36
C VAL A 166 -16.10 -1.65 11.00
N TRP A 167 -16.48 -2.44 9.99
CA TRP A 167 -15.88 -2.38 8.62
C TRP A 167 -16.45 -1.18 7.84
N ASP A 168 -17.69 -0.78 8.11
CA ASP A 168 -18.26 0.50 7.61
C ASP A 168 -17.43 1.66 8.17
N ASN A 169 -16.92 1.58 9.41
CA ASN A 169 -16.15 2.68 10.06
C ASN A 169 -14.63 2.47 10.03
N TRP A 170 -14.13 1.46 9.31
CA TRP A 170 -12.71 1.04 9.39
C TRP A 170 -11.84 2.16 8.84
N ARG A 171 -10.74 2.48 9.53
CA ARG A 171 -9.74 3.46 9.03
C ARG A 171 -8.68 2.70 8.22
N LEU A 172 -8.65 2.90 6.92
CA LEU A 172 -7.79 2.11 6.02
C LEU A 172 -6.34 2.48 6.31
N LEU A 173 -5.44 1.50 6.29
CA LEU A 173 -4.01 1.81 6.40
C LEU A 173 -3.51 2.35 5.05
N THR A 174 -2.67 3.37 5.12
CA THR A 174 -2.22 4.24 3.99
C THR A 174 -0.68 4.20 3.97
N MET A 175 -0.11 3.44 3.05
CA MET A 175 1.36 3.20 3.05
C MET A 175 1.95 3.93 1.85
N ALA A 176 3.14 4.50 2.04
CA ALA A 176 3.83 5.30 1.00
C ALA A 176 4.38 4.33 -0.02
N GLY A 177 3.99 4.47 -1.26
CA GLY A 177 4.55 3.62 -2.30
C GLY A 177 5.15 4.48 -3.38
N ILE A 178 5.85 3.81 -4.28
CA ILE A 178 6.30 4.37 -5.57
C ILE A 178 5.79 3.39 -6.62
N PHE A 179 5.43 3.87 -7.80
CA PHE A 179 4.93 3.00 -8.90
C PHE A 179 5.71 3.32 -10.17
N ASP A 180 5.68 2.41 -11.13
CA ASP A 180 6.29 2.67 -12.44
C ASP A 180 5.33 2.16 -13.49
N CYS A 181 5.56 2.55 -14.74
CA CYS A 181 4.73 2.17 -15.91
C CYS A 181 5.60 1.39 -16.88
N TRP A 182 5.18 0.17 -17.21
CA TRP A 182 5.90 -0.74 -18.12
C TRP A 182 5.00 -1.15 -19.29
N GLU A 183 5.46 -0.91 -20.52
CA GLU A 183 4.81 -1.41 -21.76
C GLU A 183 5.35 -2.81 -22.03
N PRO A 184 4.52 -3.87 -22.01
CA PRO A 184 4.99 -5.17 -22.46
C PRO A 184 5.63 -5.04 -23.83
N PRO A 185 6.86 -5.54 -24.08
CA PRO A 185 7.45 -5.49 -25.43
C PRO A 185 6.51 -6.15 -26.46
N GLU A 186 6.00 -7.35 -26.13
CA GLU A 186 5.10 -8.18 -26.98
C GLU A 186 3.77 -7.46 -27.24
N GLY A 187 3.46 -6.39 -26.49
CA GLY A 187 2.24 -5.56 -26.65
C GLY A 187 1.22 -5.86 -25.57
N GLY A 188 0.46 -4.84 -25.14
CA GLY A 188 -0.60 -4.99 -24.12
C GLY A 188 -0.88 -3.70 -23.35
N ASP A 189 -1.69 -3.78 -22.31
CA ASP A 189 -1.89 -2.66 -21.34
C ASP A 189 -0.55 -2.28 -20.71
N VAL A 190 -0.29 -0.99 -20.58
CA VAL A 190 0.72 -0.49 -19.60
C VAL A 190 0.43 -1.20 -18.28
N LEU A 191 1.41 -1.93 -17.74
CA LEU A 191 1.41 -2.43 -16.35
C LEU A 191 1.80 -1.28 -15.43
N TYR A 192 0.90 -0.87 -14.54
CA TYR A 192 1.21 -0.01 -13.37
C TYR A 192 1.53 -0.93 -12.18
N SER A 193 2.71 -0.77 -11.58
CA SER A 193 3.20 -1.66 -10.49
C SER A 193 3.83 -0.80 -9.39
N TYR A 194 3.75 -1.27 -8.15
CA TYR A 194 4.16 -0.49 -6.97
C TYR A 194 5.10 -1.34 -6.10
N THR A 195 5.85 -0.59 -5.31
CA THR A 195 6.65 -1.01 -4.17
C THR A 195 6.16 -0.21 -2.96
N ILE A 196 6.14 -0.83 -1.79
CA ILE A 196 5.87 -0.15 -0.50
C ILE A 196 7.22 0.23 0.12
N ILE A 197 7.38 1.49 0.47
CA ILE A 197 8.59 2.02 1.15
C ILE A 197 8.61 1.40 2.54
N THR A 198 9.77 0.87 2.94
CA THR A 198 10.03 0.31 4.29
C THR A 198 10.97 1.23 5.07
N VAL A 199 10.74 1.28 6.37
CA VAL A 199 11.54 2.07 7.34
C VAL A 199 11.87 1.16 8.52
N ASP A 200 12.77 1.63 9.40
CA ASP A 200 13.05 0.95 10.68
C ASP A 200 11.74 0.89 11.46
N SER A 201 11.44 -0.24 12.08
CA SER A 201 10.21 -0.42 12.86
C SER A 201 10.25 0.58 14.03
N CYS A 202 9.09 1.12 14.40
CA CYS A 202 8.89 1.92 15.62
C CYS A 202 9.19 1.01 16.83
N LYS A 203 9.29 1.59 18.03
CA LYS A 203 9.46 0.82 19.28
C LYS A 203 8.29 -0.16 19.48
N GLY A 204 7.04 0.29 19.30
CA GLY A 204 5.84 -0.56 19.48
C GLY A 204 5.92 -1.87 18.70
N LEU A 205 6.57 -1.87 17.52
CA LEU A 205 6.68 -3.05 16.60
C LEU A 205 8.06 -3.72 16.64
N SER A 206 9.02 -3.19 17.41
CA SER A 206 10.46 -3.59 17.39
C SER A 206 10.66 -5.06 17.78
N ASP A 207 9.78 -5.63 18.60
CA ASP A 207 9.87 -7.05 19.04
C ASP A 207 9.20 -7.98 18.03
N ILE A 208 8.56 -7.44 16.99
CA ILE A 208 7.85 -8.28 15.97
C ILE A 208 8.72 -8.37 14.73
N HIS A 209 9.32 -7.25 14.35
CA HIS A 209 10.15 -7.13 13.12
C HIS A 209 10.90 -5.81 13.21
N HIS A 210 12.09 -5.75 12.62
CA HIS A 210 12.98 -4.56 12.65
C HIS A 210 12.62 -3.65 11.48
N ARG A 211 11.81 -4.13 10.54
CA ARG A 211 11.25 -3.31 9.42
C ARG A 211 9.74 -3.14 9.58
N MET A 212 9.23 -2.03 9.06
CA MET A 212 7.79 -1.77 8.92
C MET A 212 7.60 -0.96 7.64
N PRO A 213 6.39 -0.93 7.07
CA PRO A 213 6.09 -0.02 5.98
C PRO A 213 6.12 1.45 6.43
N ALA A 214 6.44 2.32 5.47
CA ALA A 214 6.28 3.79 5.60
C ALA A 214 4.78 4.10 5.58
N ILE A 215 4.22 4.42 6.74
CA ILE A 215 2.78 4.71 6.94
C ILE A 215 2.57 6.23 6.95
N LEU A 216 1.66 6.71 6.12
CA LEU A 216 1.28 8.15 6.05
C LEU A 216 0.05 8.32 6.94
N ASP A 217 0.20 9.03 8.05
CA ASP A 217 -0.80 9.07 9.15
C ASP A 217 -1.65 10.33 9.04
N GLY A 218 -2.83 10.20 8.43
CA GLY A 218 -3.79 11.29 8.24
C GLY A 218 -3.65 11.93 6.87
N GLU A 219 -4.60 12.82 6.58
CA GLU A 219 -4.89 13.32 5.22
C GLU A 219 -3.82 14.34 4.80
N GLU A 220 -3.06 14.91 5.74
CA GLU A 220 -2.01 15.91 5.40
C GLU A 220 -0.86 15.18 4.70
N ALA A 221 -0.41 14.08 5.30
CA ALA A 221 0.74 13.26 4.82
C ALA A 221 0.34 12.57 3.50
N VAL A 222 -0.87 12.00 3.48
CA VAL A 222 -1.42 11.34 2.26
C VAL A 222 -1.41 12.37 1.12
N SER A 223 -1.91 13.56 1.41
CA SER A 223 -2.11 14.62 0.41
C SER A 223 -0.76 15.05 -0.15
N LYS A 224 0.22 15.27 0.73
CA LYS A 224 1.57 15.80 0.32
C LYS A 224 2.31 14.69 -0.42
N TRP A 225 2.19 13.42 0.04
CA TRP A 225 2.80 12.29 -0.70
C TRP A 225 2.20 12.19 -2.11
N LEU A 226 0.87 12.35 -2.25
CA LEU A 226 0.15 12.23 -3.56
C LEU A 226 0.47 13.41 -4.49
N ASP A 227 0.66 14.61 -3.91
CA ASP A 227 0.67 15.89 -4.66
C ASP A 227 2.09 16.17 -5.18
N PHE A 228 2.52 15.43 -6.19
CA PHE A 228 3.82 15.67 -6.86
C PHE A 228 3.79 16.98 -7.67
N GLY A 229 2.64 17.66 -7.72
CA GLY A 229 2.55 19.01 -8.31
C GLY A 229 3.26 20.00 -7.41
N GLU A 230 2.81 20.08 -6.16
CA GLU A 230 3.18 21.13 -5.18
C GLU A 230 4.14 20.60 -4.12
N VAL A 231 4.50 19.31 -4.16
CA VAL A 231 5.44 18.71 -3.16
C VAL A 231 6.57 17.98 -3.90
N SER A 232 7.78 18.54 -3.81
CA SER A 232 9.06 17.97 -4.34
C SER A 232 9.39 16.63 -3.66
N THR A 233 10.15 15.78 -4.34
CA THR A 233 10.71 14.55 -3.75
C THR A 233 11.23 14.85 -2.35
N GLN A 234 12.12 15.83 -2.25
CA GLN A 234 12.83 16.16 -0.99
C GLN A 234 11.80 16.40 0.12
N GLU A 235 10.78 17.25 -0.12
CA GLU A 235 9.74 17.53 0.91
C GLU A 235 8.92 16.26 1.18
N ALA A 236 8.57 15.50 0.13
CA ALA A 236 7.84 14.21 0.23
C ALA A 236 8.63 13.19 1.05
N LEU A 237 9.98 13.13 0.95
CA LEU A 237 10.76 12.09 1.70
C LEU A 237 10.71 12.36 3.20
N LYS A 238 10.45 13.60 3.62
CA LYS A 238 10.32 14.00 5.06
C LYS A 238 9.09 13.34 5.69
N LEU A 239 8.12 12.93 4.85
CA LEU A 239 6.89 12.24 5.32
C LEU A 239 7.23 10.79 5.67
N ILE A 240 8.36 10.25 5.18
CA ILE A 240 8.73 8.81 5.29
C ILE A 240 9.50 8.58 6.58
N HIS A 241 8.94 7.80 7.49
CA HIS A 241 9.57 7.51 8.79
C HIS A 241 8.66 6.54 9.51
N PRO A 242 9.09 5.94 10.63
CA PRO A 242 8.21 5.10 11.43
C PRO A 242 7.07 5.87 12.08
N THR A 243 6.15 5.12 12.67
CA THR A 243 5.01 5.65 13.46
C THR A 243 4.72 4.61 14.56
N GLU A 244 4.40 5.13 15.74
CA GLU A 244 3.93 4.41 16.94
C GLU A 244 2.40 4.35 16.85
N ASN A 245 1.80 5.18 15.98
CA ASN A 245 0.31 5.30 15.86
C ASN A 245 -0.20 4.07 15.10
N ILE A 246 -0.27 2.96 15.82
CA ILE A 246 -0.38 1.62 15.22
C ILE A 246 -0.70 0.66 16.35
N THR A 247 -1.66 -0.22 16.15
CA THR A 247 -1.96 -1.33 17.06
C THR A 247 -1.90 -2.64 16.25
N PHE A 248 -2.06 -3.76 16.92
CA PHE A 248 -1.79 -5.07 16.30
C PHE A 248 -2.37 -6.13 17.22
N HIS A 249 -2.55 -7.33 16.70
CA HIS A 249 -2.87 -8.51 17.52
C HIS A 249 -2.36 -9.73 16.77
N ALA A 250 -2.11 -10.80 17.50
CA ALA A 250 -1.64 -12.08 16.94
C ALA A 250 -2.82 -12.71 16.20
N VAL A 251 -2.54 -13.54 15.20
CA VAL A 251 -3.58 -14.14 14.33
C VAL A 251 -3.13 -15.55 14.04
N SER A 252 -4.05 -16.39 13.62
CA SER A 252 -3.83 -17.81 13.34
C SER A 252 -2.81 -17.95 12.20
N SER A 253 -2.34 -19.18 12.02
CA SER A 253 -1.38 -19.60 10.96
C SER A 253 -2.11 -19.71 9.62
N VAL A 254 -3.43 -19.52 9.61
CA VAL A 254 -4.30 -19.56 8.40
C VAL A 254 -3.77 -18.57 7.34
N VAL A 255 -3.26 -17.39 7.74
CA VAL A 255 -2.81 -16.32 6.81
C VAL A 255 -1.56 -16.80 6.06
N ASN A 256 -0.76 -17.64 6.72
CA ASN A 256 0.57 -18.08 6.23
C ASN A 256 0.50 -18.44 4.74
N ASN A 257 -0.42 -19.31 4.37
CA ASN A 257 -0.65 -19.72 2.97
C ASN A 257 -1.52 -18.65 2.28
N SER A 258 -0.96 -17.93 1.31
CA SER A 258 -1.62 -16.81 0.57
C SER A 258 -2.90 -17.28 -0.15
N ARG A 259 -2.98 -18.57 -0.50
CA ARG A 259 -4.22 -19.16 -1.08
C ARG A 259 -5.36 -19.03 -0.06
N ASN A 260 -5.09 -18.93 1.23
CA ASN A 260 -6.18 -18.82 2.24
C ASN A 260 -6.74 -17.40 2.29
N ASN A 261 -7.96 -17.26 1.77
CA ASN A 261 -8.67 -15.97 1.69
C ASN A 261 -9.97 -16.05 2.49
N THR A 262 -9.90 -15.75 3.79
CA THR A 262 -11.05 -15.87 4.73
C THR A 262 -10.90 -14.89 5.87
N PRO A 263 -11.99 -14.56 6.60
CA PRO A 263 -11.91 -13.59 7.69
C PRO A 263 -11.02 -14.07 8.84
N GLU A 264 -10.74 -15.37 8.87
CA GLU A 264 -9.87 -15.98 9.90
C GLU A 264 -8.48 -15.37 9.76
N CYS A 265 -8.07 -14.99 8.54
CA CYS A 265 -6.70 -14.46 8.30
C CYS A 265 -6.38 -13.36 9.33
N LEU A 266 -7.33 -12.49 9.69
CA LEU A 266 -6.99 -11.35 10.58
C LEU A 266 -7.77 -11.40 11.91
N ALA A 267 -8.52 -12.47 12.19
CA ALA A 267 -9.23 -12.67 13.48
C ALA A 267 -8.21 -12.89 14.61
N PRO A 268 -8.43 -12.30 15.81
CA PRO A 268 -7.69 -12.66 17.02
C PRO A 268 -7.74 -14.17 17.32
N VAL A 269 -6.73 -14.70 18.04
CA VAL A 269 -6.44 -16.16 18.13
C VAL A 269 -6.94 -16.74 19.47
C1 EDO D . -2.14 -2.63 -13.15
O1 EDO D . -1.68 -2.31 -14.46
C2 EDO D . -2.16 -4.09 -12.87
O2 EDO D . -2.62 -4.85 -13.98
C1 EDO E . -13.14 -0.73 -17.13
O1 EDO E . -12.01 0.11 -17.07
C2 EDO E . -13.04 -2.02 -16.38
O2 EDO E . -12.03 -2.14 -15.37
C1 EDO F . -7.90 6.10 2.92
O1 EDO F . -8.51 6.43 4.14
C2 EDO F . -7.44 7.27 2.12
O2 EDO F . -8.24 8.41 2.28
C1 EDO G . -4.04 1.58 -13.33
O1 EDO G . -4.48 0.31 -12.93
C2 EDO G . -4.61 1.97 -14.63
O2 EDO G . -4.27 1.00 -15.59
UNK UNX H . 7.89 15.91 -8.49
UNK UNX I . 7.21 20.24 -8.27
UNK UNX J . -19.84 4.79 -3.85
UNK UNX K . 4.21 -9.06 20.84
UNK UNX L . -18.42 4.76 -5.89
UNK UNX M . -15.53 6.61 -10.20
UNK UNX N . -15.52 6.55 -7.34
UNK UNX O . -13.01 -10.89 0.59
UNK UNX P . -15.65 -8.00 -0.31
UNK UNX Q . 19.57 -7.15 -10.32
UNK UNX R . 16.81 -16.04 7.50
C1 EDO S . 32.53 7.12 -13.86
O1 EDO S . 31.47 8.07 -13.79
C2 EDO S . 32.07 5.74 -14.19
O2 EDO S . 31.69 4.98 -13.05
#